data_5NRE
#
_entry.id   5NRE
#
_cell.length_a   131.660
_cell.length_b   67.470
_cell.length_c   97.890
_cell.angle_alpha   90.00
_cell.angle_beta   119.33
_cell.angle_gamma   90.00
#
_symmetry.space_group_name_H-M   'C 1 2 1'
#
loop_
_entity.id
_entity.type
_entity.pdbx_description
1 polymer 'N-acetyllactosaminide alpha-1,3-galactosyltransferase'
2 branched beta-D-galactopyranose-(1-4)-beta-D-glucopyranose
3 water water
#
_entity_poly.entity_id   1
_entity_poly.type   'polypeptide(L)'
_entity_poly.pdbx_seq_one_letter_code
;GSMESKLKLSDWFNPFKRPEVVTMTKWKAPVVWEGTYNRAVLDNYYAKQKITVGLTVFAVGRYIEHYLEEFLTSANKHFM
VGHPVIFYIMVDDVSRMPLIELGPLRSFKVFKIKPEKRWQDISMMRMKTIGEHIVAHIQHEVDFLFCMDVDQVFQDKFGV
ETLGESVAQLQAWWYKADPNDFTYERRKESAAYIPFGEGDFYYHAAIFGGTPTQVLNITQECFKGILKDKKNDIEAQWHD
ESHLNKYFLLNKPTKILSPEYCWDYHIGLPADIKLVKMSWQTKEYNVVRNNV
;
_entity_poly.pdbx_strand_id   A,B
#
loop_
_chem_comp.id
_chem_comp.type
_chem_comp.name
_chem_comp.formula
BGC D-saccharide, beta linking beta-D-glucopyranose 'C6 H12 O6'
GAL D-saccharide, beta linking beta-D-galactopyranose 'C6 H12 O6'
#
# COMPACT_ATOMS: atom_id res chain seq x y z
N LYS A 6 -12.82 -9.16 -24.68
CA LYS A 6 -12.93 -8.63 -23.32
C LYS A 6 -14.08 -9.30 -22.54
N LEU A 7 -14.03 -9.15 -21.21
CA LEU A 7 -14.98 -9.80 -20.32
C LEU A 7 -16.41 -9.51 -20.73
N LYS A 8 -17.20 -10.58 -20.90
CA LYS A 8 -18.63 -10.52 -21.16
C LYS A 8 -19.39 -11.02 -19.95
N LEU A 9 -20.65 -10.61 -19.82
CA LEU A 9 -21.42 -10.97 -18.64
C LEU A 9 -21.66 -12.47 -18.55
N SER A 10 -21.91 -13.13 -19.70
CA SER A 10 -22.04 -14.58 -19.77
C SER A 10 -20.79 -15.34 -19.36
N ASP A 11 -19.61 -14.69 -19.38
CA ASP A 11 -18.41 -15.38 -18.94
C ASP A 11 -18.44 -15.73 -17.46
N TRP A 12 -19.23 -15.01 -16.65
CA TRP A 12 -19.16 -15.21 -15.20
C TRP A 12 -20.47 -15.15 -14.46
N PHE A 13 -21.57 -14.72 -15.06
CA PHE A 13 -22.79 -14.47 -14.33
C PHE A 13 -23.87 -15.40 -14.87
N ASN A 14 -24.45 -16.19 -13.99
CA ASN A 14 -25.52 -17.10 -14.40
C ASN A 14 -26.75 -16.78 -13.57
N PRO A 15 -27.68 -16.02 -14.10
CA PRO A 15 -28.85 -15.66 -13.29
C PRO A 15 -29.70 -16.86 -12.91
N PHE A 16 -29.73 -17.90 -13.74
CA PHE A 16 -30.63 -19.05 -13.53
C PHE A 16 -30.31 -19.85 -12.27
N LYS A 17 -29.17 -19.61 -11.63
CA LYS A 17 -28.86 -20.30 -10.37
C LYS A 17 -29.70 -19.80 -9.21
N ARG A 18 -30.36 -18.64 -9.35
CA ARG A 18 -31.15 -18.06 -8.27
C ARG A 18 -32.45 -17.50 -8.87
N PRO A 19 -33.37 -18.38 -9.29
CA PRO A 19 -34.57 -17.91 -9.98
C PRO A 19 -35.62 -17.32 -9.04
N GLU A 20 -35.48 -17.47 -7.74
CA GLU A 20 -36.44 -16.94 -6.78
C GLU A 20 -36.20 -15.47 -6.44
N VAL A 21 -35.13 -14.85 -6.93
CA VAL A 21 -34.82 -13.44 -6.65
C VAL A 21 -34.61 -12.71 -7.96
N VAL A 22 -34.55 -11.38 -7.85
CA VAL A 22 -34.21 -10.52 -8.98
C VAL A 22 -32.69 -10.60 -9.23
N THR A 23 -32.33 -10.96 -10.44
CA THR A 23 -30.94 -11.16 -10.81
C THR A 23 -30.50 -10.24 -11.94
N MET A 24 -31.45 -9.55 -12.59
CA MET A 24 -31.13 -8.68 -13.71
C MET A 24 -32.11 -7.51 -13.64
N THR A 25 -31.62 -6.30 -13.82
CA THR A 25 -32.49 -5.13 -13.78
C THR A 25 -33.09 -4.91 -15.16
N LYS A 26 -34.10 -4.05 -15.24
CA LYS A 26 -34.63 -3.66 -16.54
C LYS A 26 -33.59 -2.94 -17.40
N TRP A 27 -32.59 -2.28 -16.82
CA TRP A 27 -31.49 -1.76 -17.63
C TRP A 27 -30.37 -2.77 -17.83
N LYS A 28 -30.64 -4.05 -17.55
CA LYS A 28 -29.71 -5.15 -17.83
C LYS A 28 -28.44 -5.09 -16.97
N ALA A 29 -28.58 -4.58 -15.71
CA ALA A 29 -27.46 -4.71 -14.78
C ALA A 29 -27.64 -6.00 -13.97
N PRO A 30 -26.54 -6.69 -13.71
CA PRO A 30 -26.63 -7.86 -12.85
C PRO A 30 -26.84 -7.46 -11.40
N VAL A 31 -27.69 -8.25 -10.72
CA VAL A 31 -27.81 -8.23 -9.28
C VAL A 31 -27.12 -9.49 -8.78
N VAL A 32 -26.01 -9.32 -8.07
CA VAL A 32 -25.12 -10.42 -7.74
C VAL A 32 -25.57 -11.10 -6.45
N TRP A 33 -26.05 -12.35 -6.59
CA TRP A 33 -26.43 -13.20 -5.48
C TRP A 33 -25.48 -14.40 -5.38
N GLU A 34 -25.34 -14.92 -4.17
CA GLU A 34 -24.58 -16.13 -3.97
C GLU A 34 -25.09 -17.22 -4.90
N GLY A 35 -24.19 -17.83 -5.63
CA GLY A 35 -24.53 -18.88 -6.58
C GLY A 35 -24.60 -18.43 -8.01
N THR A 36 -24.73 -17.11 -8.26
CA THR A 36 -24.81 -16.61 -9.62
C THR A 36 -23.45 -16.31 -10.25
N TYR A 37 -22.37 -16.31 -9.48
CA TYR A 37 -21.10 -15.77 -9.95
C TYR A 37 -20.03 -16.87 -9.96
N ASN A 38 -19.13 -16.78 -10.93
CA ASN A 38 -17.98 -17.67 -11.05
C ASN A 38 -16.72 -16.90 -10.63
N ARG A 39 -16.36 -16.96 -9.35
CA ARG A 39 -15.24 -16.16 -8.89
C ARG A 39 -13.93 -16.60 -9.55
N ALA A 40 -13.77 -17.91 -9.85
CA ALA A 40 -12.52 -18.38 -10.41
C ALA A 40 -12.26 -17.72 -11.75
N VAL A 41 -13.26 -17.71 -12.62
CA VAL A 41 -13.10 -17.03 -13.90
C VAL A 41 -12.66 -15.60 -13.67
N LEU A 42 -13.34 -14.88 -12.76
CA LEU A 42 -13.01 -13.45 -12.62
C LEU A 42 -11.64 -13.25 -11.98
N ASP A 43 -11.31 -14.07 -10.98
CA ASP A 43 -10.01 -13.91 -10.33
C ASP A 43 -8.88 -14.04 -11.35
N ASN A 44 -9.00 -15.00 -12.27
CA ASN A 44 -7.97 -15.19 -13.28
C ASN A 44 -7.93 -14.01 -14.25
N TYR A 45 -9.09 -13.51 -14.66
CA TYR A 45 -9.15 -12.40 -15.59
C TYR A 45 -8.51 -11.14 -14.99
N TYR A 46 -8.85 -10.82 -13.73
CA TYR A 46 -8.34 -9.59 -13.15
C TYR A 46 -6.90 -9.74 -12.67
N ALA A 47 -6.49 -10.94 -12.29
CA ALA A 47 -5.09 -11.18 -12.01
C ALA A 47 -4.24 -10.85 -13.24
N LYS A 48 -4.60 -11.40 -14.40
CA LYS A 48 -3.88 -11.05 -15.64
C LYS A 48 -3.81 -9.54 -15.80
N GLN A 49 -4.85 -8.81 -15.44
CA GLN A 49 -4.85 -7.36 -15.60
C GLN A 49 -4.10 -6.62 -14.51
N LYS A 50 -3.76 -7.27 -13.40
CA LYS A 50 -3.05 -6.60 -12.32
C LYS A 50 -3.84 -5.39 -11.81
N ILE A 51 -5.07 -5.63 -11.37
CA ILE A 51 -5.86 -4.53 -10.84
C ILE A 51 -5.52 -4.36 -9.36
N THR A 52 -5.74 -3.13 -8.88
CA THR A 52 -5.71 -2.81 -7.45
C THR A 52 -7.08 -2.24 -7.06
N VAL A 53 -7.57 -2.59 -5.85
CA VAL A 53 -8.89 -2.17 -5.38
C VAL A 53 -8.69 -1.34 -4.12
N GLY A 54 -9.36 -0.19 -4.04
CA GLY A 54 -9.28 0.65 -2.86
C GLY A 54 -10.50 0.44 -1.97
N LEU A 55 -10.32 0.69 -0.67
CA LEU A 55 -11.43 0.64 0.27
C LEU A 55 -11.32 1.82 1.22
N THR A 56 -12.29 2.71 1.24
CA THR A 56 -12.24 3.86 2.15
C THR A 56 -13.17 3.61 3.31
N VAL A 57 -12.71 3.97 4.52
CA VAL A 57 -13.52 3.86 5.74
C VAL A 57 -13.19 5.04 6.66
N PHE A 58 -14.22 5.68 7.21
CA PHE A 58 -14.12 6.78 8.18
C PHE A 58 -14.45 6.29 9.58
N ALA A 59 -13.69 6.74 10.56
CA ALA A 59 -13.94 6.40 11.95
C ALA A 59 -13.55 7.58 12.83
N VAL A 60 -14.51 8.06 13.59
CA VAL A 60 -14.37 9.25 14.43
C VAL A 60 -14.65 8.88 15.89
N GLY A 61 -13.84 9.42 16.79
CA GLY A 61 -14.11 9.28 18.22
C GLY A 61 -14.12 7.83 18.66
N ARG A 62 -15.18 7.47 19.40
CA ARG A 62 -15.27 6.13 19.94
C ARG A 62 -15.57 5.10 18.86
N TYR A 63 -16.01 5.51 17.68
CA TYR A 63 -16.17 4.55 16.59
C TYR A 63 -14.85 3.86 16.28
N ILE A 64 -13.72 4.56 16.46
CA ILE A 64 -12.41 3.95 16.28
C ILE A 64 -12.28 2.73 17.18
N GLU A 65 -12.43 2.93 18.50
CA GLU A 65 -12.26 1.82 19.44
C GLU A 65 -13.36 0.78 19.30
N HIS A 66 -14.57 1.18 18.92
CA HIS A 66 -15.69 0.26 18.91
C HIS A 66 -15.66 -0.66 17.68
N TYR A 67 -15.20 -0.15 16.53
CA TYR A 67 -15.52 -0.80 15.26
C TYR A 67 -14.35 -0.96 14.30
N LEU A 68 -13.34 -0.09 14.36
CA LEU A 68 -12.38 -0.02 13.28
C LEU A 68 -11.50 -1.25 13.21
N GLU A 69 -11.10 -1.80 14.37
CA GLU A 69 -10.25 -2.99 14.37
C GLU A 69 -10.97 -4.20 13.78
N GLU A 70 -12.22 -4.44 14.17
CA GLU A 70 -12.96 -5.56 13.61
C GLU A 70 -13.20 -5.39 12.12
N PHE A 71 -13.48 -4.16 11.69
CA PHE A 71 -13.62 -3.88 10.26
C PHE A 71 -12.34 -4.22 9.50
N LEU A 72 -11.21 -3.64 9.91
CA LEU A 72 -9.94 -3.88 9.22
C LEU A 72 -9.55 -5.35 9.27
N THR A 73 -9.72 -6.02 10.42
CA THR A 73 -9.30 -7.41 10.55
C THR A 73 -10.10 -8.28 9.61
N SER A 74 -11.40 -8.01 9.49
CA SER A 74 -12.25 -8.84 8.66
C SER A 74 -12.02 -8.53 7.18
N ALA A 75 -11.76 -7.26 6.84
CA ALA A 75 -11.49 -6.90 5.46
C ALA A 75 -10.20 -7.54 4.96
N ASN A 76 -9.16 -7.53 5.78
CA ASN A 76 -7.90 -8.16 5.42
C ASN A 76 -8.10 -9.64 5.11
N LYS A 77 -9.00 -10.28 5.84
CA LYS A 77 -9.20 -11.71 5.65
C LYS A 77 -10.07 -12.01 4.44
N HIS A 78 -11.05 -11.15 4.12
CA HIS A 78 -12.11 -11.51 3.17
C HIS A 78 -12.26 -10.62 1.95
N PHE A 79 -11.66 -9.41 1.92
CA PHE A 79 -11.94 -8.44 0.85
C PHE A 79 -10.93 -8.58 -0.29
N MET A 80 -11.41 -8.94 -1.47
CA MET A 80 -10.62 -9.06 -2.71
C MET A 80 -9.35 -9.90 -2.52
N VAL A 81 -9.47 -11.04 -1.85
CA VAL A 81 -8.30 -11.85 -1.58
C VAL A 81 -7.64 -12.25 -2.88
N GLY A 82 -6.32 -12.15 -2.92
CA GLY A 82 -5.58 -12.45 -4.13
C GLY A 82 -5.33 -11.27 -5.02
N HIS A 83 -5.81 -10.08 -4.64
CA HIS A 83 -5.58 -8.89 -5.43
C HIS A 83 -5.08 -7.77 -4.54
N PRO A 84 -4.26 -6.86 -5.07
CA PRO A 84 -3.77 -5.78 -4.22
C PRO A 84 -4.94 -4.94 -3.75
N VAL A 85 -4.90 -4.58 -2.47
CA VAL A 85 -5.91 -3.75 -1.84
C VAL A 85 -5.16 -2.66 -1.10
N ILE A 86 -5.68 -1.45 -1.16
CA ILE A 86 -5.19 -0.35 -0.33
C ILE A 86 -6.35 0.09 0.56
N PHE A 87 -6.11 0.09 1.87
CA PHE A 87 -7.09 0.61 2.82
C PHE A 87 -6.80 2.08 3.05
N TYR A 88 -7.79 2.93 2.77
CA TYR A 88 -7.69 4.36 3.08
C TYR A 88 -8.48 4.69 4.34
N ILE A 89 -7.77 4.94 5.43
CA ILE A 89 -8.38 5.03 6.75
C ILE A 89 -8.43 6.51 7.15
N MET A 90 -9.64 7.04 7.34
CA MET A 90 -9.83 8.45 7.69
C MET A 90 -10.30 8.53 9.13
N VAL A 91 -9.45 9.09 10.00
CA VAL A 91 -9.79 9.21 11.42
C VAL A 91 -9.56 10.63 11.90
N ASP A 92 -10.11 10.92 13.06
CA ASP A 92 -9.91 12.22 13.68
C ASP A 92 -8.70 12.25 14.60
N ASP A 93 -8.29 11.09 15.11
CA ASP A 93 -7.13 11.00 16.00
C ASP A 93 -6.29 9.80 15.58
N VAL A 94 -5.11 10.06 15.03
CA VAL A 94 -4.31 8.96 14.50
C VAL A 94 -3.67 8.15 15.62
N SER A 95 -3.37 8.78 16.77
CA SER A 95 -2.78 8.04 17.89
C SER A 95 -3.70 6.96 18.42
N ARG A 96 -4.99 7.02 18.12
CA ARG A 96 -5.94 6.05 18.64
C ARG A 96 -6.19 4.91 17.66
N MET A 97 -5.54 4.91 16.47
CA MET A 97 -6.09 3.91 15.58
C MET A 97 -5.33 2.59 15.73
N PRO A 98 -6.02 1.46 15.66
CA PRO A 98 -5.33 0.18 15.83
C PRO A 98 -4.51 -0.18 14.60
N LEU A 99 -3.30 -0.69 14.84
CA LEU A 99 -2.43 -1.17 13.77
C LEU A 99 -2.54 -2.69 13.69
N ILE A 100 -3.28 -3.16 12.71
CA ILE A 100 -3.58 -4.54 12.39
C ILE A 100 -2.48 -5.12 11.52
N GLU A 101 -2.21 -6.41 11.65
CA GLU A 101 -1.31 -7.07 10.71
C GLU A 101 -2.05 -7.30 9.41
N LEU A 102 -1.49 -6.82 8.31
CA LEU A 102 -2.07 -7.02 6.98
C LEU A 102 -1.40 -8.18 6.27
N GLY A 103 -2.19 -8.88 5.47
CA GLY A 103 -1.73 -10.03 4.74
C GLY A 103 -1.17 -9.65 3.38
N PRO A 104 -0.77 -10.68 2.62
CA PRO A 104 -0.17 -10.45 1.29
C PRO A 104 -1.07 -9.58 0.43
N LEU A 105 -0.44 -8.62 -0.24
CA LEU A 105 -1.06 -7.70 -1.19
C LEU A 105 -1.98 -6.68 -0.54
N ARG A 106 -1.99 -6.54 0.78
CA ARG A 106 -2.70 -5.45 1.43
C ARG A 106 -1.72 -4.39 1.93
N SER A 107 -2.11 -3.13 1.83
CA SER A 107 -1.37 -2.06 2.49
C SER A 107 -2.34 -0.96 2.88
N PHE A 108 -1.84 0.08 3.56
CA PHE A 108 -2.77 1.12 3.97
C PHE A 108 -2.13 2.49 3.96
N LYS A 109 -3.04 3.50 4.00
CA LYS A 109 -2.74 4.91 4.22
C LYS A 109 -3.75 5.49 5.21
N VAL A 110 -3.28 6.34 6.10
CA VAL A 110 -4.10 6.93 7.15
C VAL A 110 -4.05 8.44 7.00
N PHE A 111 -5.21 9.07 7.16
CA PHE A 111 -5.37 10.51 7.07
C PHE A 111 -6.14 11.02 8.26
N LYS A 112 -5.69 12.14 8.79
CA LYS A 112 -6.37 12.83 9.87
C LYS A 112 -7.39 13.80 9.27
N ILE A 113 -8.64 13.66 9.67
CA ILE A 113 -9.71 14.51 9.19
C ILE A 113 -10.26 15.31 10.36
N LYS A 114 -11.04 16.35 10.01
CA LYS A 114 -11.66 17.25 10.98
C LYS A 114 -13.05 16.75 11.27
N PRO A 115 -13.33 16.21 12.46
CA PRO A 115 -14.68 15.70 12.74
C PRO A 115 -15.69 16.84 12.77
N GLU A 116 -16.93 16.51 12.41
CA GLU A 116 -18.04 17.44 12.43
C GLU A 116 -19.07 16.95 13.47
N LYS A 117 -19.78 17.90 14.09
CA LYS A 117 -20.71 17.54 15.16
C LYS A 117 -21.99 16.91 14.61
N ARG A 118 -22.61 17.55 13.62
CA ARG A 118 -23.94 17.16 13.15
C ARG A 118 -23.90 16.13 12.02
N TRP A 119 -24.82 15.15 12.12
CA TRP A 119 -24.97 14.12 11.08
C TRP A 119 -25.05 14.74 9.68
N GLN A 120 -25.79 15.83 9.50
CA GLN A 120 -25.87 16.43 8.18
C GLN A 120 -24.49 16.82 7.69
N ASP A 121 -23.71 17.48 8.56
CA ASP A 121 -22.38 17.93 8.17
C ASP A 121 -21.38 16.78 8.12
N ILE A 122 -21.58 15.73 8.90
CA ILE A 122 -20.70 14.57 8.83
C ILE A 122 -20.74 13.96 7.44
N SER A 123 -21.93 13.59 6.98
CA SER A 123 -22.06 13.01 5.65
C SER A 123 -21.67 14.01 4.57
N MET A 124 -21.98 15.29 4.76
CA MET A 124 -21.58 16.30 3.77
C MET A 124 -20.06 16.29 3.58
N MET A 125 -19.31 16.25 4.67
CA MET A 125 -17.88 16.38 4.55
C MET A 125 -17.23 15.07 4.13
N ARG A 126 -17.93 13.95 4.31
CA ARG A 126 -17.38 12.66 3.91
C ARG A 126 -17.43 12.50 2.39
N MET A 127 -18.56 12.86 1.76
CA MET A 127 -18.61 12.88 0.32
C MET A 127 -17.60 13.85 -0.27
N LYS A 128 -17.43 15.03 0.36
CA LYS A 128 -16.45 15.98 -0.15
C LYS A 128 -15.03 15.43 0.01
N THR A 129 -14.74 14.83 1.16
CA THR A 129 -13.41 14.31 1.42
C THR A 129 -13.04 13.18 0.45
N ILE A 130 -14.00 12.29 0.17
CA ILE A 130 -13.70 11.19 -0.74
C ILE A 130 -13.33 11.74 -2.12
N GLY A 131 -14.11 12.70 -2.62
CA GLY A 131 -13.81 13.29 -3.92
C GLY A 131 -12.43 13.93 -3.97
N GLU A 132 -12.07 14.70 -2.94
CA GLU A 132 -10.77 15.33 -2.87
C GLU A 132 -9.65 14.28 -2.89
N HIS A 133 -9.82 13.18 -2.18
CA HIS A 133 -8.76 12.16 -2.18
C HIS A 133 -8.71 11.44 -3.52
N ILE A 134 -9.83 11.28 -4.20
CA ILE A 134 -9.80 10.65 -5.51
C ILE A 134 -8.95 11.47 -6.46
N VAL A 135 -9.12 12.80 -6.42
CA VAL A 135 -8.38 13.66 -7.33
C VAL A 135 -6.93 13.72 -6.93
N ALA A 136 -6.66 13.81 -5.62
CA ALA A 136 -5.29 13.93 -5.13
C ALA A 136 -4.48 12.65 -5.38
N HIS A 137 -5.08 11.48 -5.18
CA HIS A 137 -4.25 10.28 -5.25
C HIS A 137 -4.98 9.00 -5.60
N ILE A 138 -6.23 8.81 -5.17
CA ILE A 138 -6.83 7.46 -5.35
C ILE A 138 -6.98 7.13 -6.82
N GLN A 139 -7.32 8.12 -7.65
CA GLN A 139 -7.51 7.82 -9.07
C GLN A 139 -6.21 7.27 -9.67
N HIS A 140 -5.06 7.65 -9.10
CA HIS A 140 -3.79 7.14 -9.60
C HIS A 140 -3.46 5.77 -9.04
N GLU A 141 -4.11 5.34 -7.95
CA GLU A 141 -3.63 4.20 -7.17
C GLU A 141 -4.42 2.94 -7.37
N VAL A 142 -5.69 3.05 -7.77
CA VAL A 142 -6.58 1.90 -7.86
C VAL A 142 -7.41 1.96 -9.14
N ASP A 143 -7.90 0.78 -9.54
CA ASP A 143 -8.81 0.65 -10.66
C ASP A 143 -10.27 0.66 -10.24
N PHE A 144 -10.53 0.27 -9.00
CA PHE A 144 -11.88 0.23 -8.45
C PHE A 144 -11.79 0.67 -7.01
N LEU A 145 -12.84 1.33 -6.54
CA LEU A 145 -12.84 1.92 -5.22
C LEU A 145 -14.19 1.61 -4.57
N PHE A 146 -14.17 1.13 -3.34
CA PHE A 146 -15.38 1.01 -2.54
C PHE A 146 -15.29 1.95 -1.36
N CYS A 147 -16.44 2.49 -0.97
CA CYS A 147 -16.58 3.31 0.21
C CYS A 147 -17.54 2.62 1.19
N MET A 148 -17.07 2.34 2.40
CA MET A 148 -17.91 1.57 3.31
C MET A 148 -18.00 2.21 4.69
N ASP A 149 -19.14 2.00 5.34
CA ASP A 149 -19.30 2.34 6.75
C ASP A 149 -18.42 1.43 7.60
N VAL A 150 -17.87 1.98 8.67
CA VAL A 150 -16.99 1.23 9.56
C VAL A 150 -17.72 0.23 10.45
N ASP A 151 -19.03 0.40 10.65
CA ASP A 151 -19.74 -0.39 11.66
C ASP A 151 -20.42 -1.59 11.00
N GLN A 152 -19.58 -2.41 10.40
CA GLN A 152 -19.98 -3.67 9.76
C GLN A 152 -18.75 -4.55 9.67
N VAL A 153 -18.97 -5.81 9.37
CA VAL A 153 -17.93 -6.85 9.52
C VAL A 153 -18.03 -7.80 8.33
N PHE A 154 -16.91 -8.01 7.63
CA PHE A 154 -16.89 -9.02 6.59
C PHE A 154 -17.01 -10.39 7.26
N GLN A 155 -17.82 -11.27 6.66
CA GLN A 155 -18.07 -12.62 7.18
C GLN A 155 -17.54 -13.72 6.27
N ASP A 156 -17.50 -13.47 4.98
CA ASP A 156 -16.99 -14.43 4.04
C ASP A 156 -16.44 -13.64 2.87
N LYS A 157 -15.99 -14.34 1.85
CA LYS A 157 -15.30 -13.73 0.74
C LYS A 157 -16.18 -12.68 0.06
N PHE A 158 -15.61 -11.49 -0.13
CA PHE A 158 -16.27 -10.35 -0.74
C PHE A 158 -15.31 -9.99 -1.86
N GLY A 159 -15.53 -10.55 -3.02
CA GLY A 159 -14.48 -10.55 -4.02
C GLY A 159 -14.80 -9.88 -5.32
N VAL A 160 -14.05 -10.27 -6.34
CA VAL A 160 -14.00 -9.52 -7.59
C VAL A 160 -15.31 -9.62 -8.34
N GLU A 161 -16.21 -10.51 -7.90
CA GLU A 161 -17.55 -10.52 -8.46
C GLU A 161 -18.29 -9.22 -8.19
N THR A 162 -17.84 -8.41 -7.24
CA THR A 162 -18.53 -7.17 -6.86
C THR A 162 -18.04 -5.93 -7.61
N LEU A 163 -17.01 -6.06 -8.43
CA LEU A 163 -16.43 -4.94 -9.16
C LEU A 163 -17.30 -4.52 -10.36
N GLY A 164 -17.30 -3.23 -10.63
CA GLY A 164 -17.97 -2.69 -11.81
C GLY A 164 -17.82 -1.18 -11.85
N GLU A 165 -18.35 -0.59 -12.93
CA GLU A 165 -18.17 0.85 -13.14
C GLU A 165 -18.85 1.64 -12.04
N SER A 166 -20.07 1.25 -11.65
CA SER A 166 -20.75 1.82 -10.50
C SER A 166 -21.57 0.76 -9.79
N VAL A 167 -21.30 0.57 -8.50
CA VAL A 167 -21.82 -0.54 -7.71
C VAL A 167 -22.66 -0.01 -6.56
N ALA A 168 -23.89 -0.48 -6.47
CA ALA A 168 -24.81 -0.12 -5.41
C ALA A 168 -25.19 -1.35 -4.61
N GLN A 169 -25.62 -1.13 -3.37
CA GLN A 169 -25.97 -2.19 -2.43
C GLN A 169 -27.47 -2.20 -2.12
N LEU A 170 -28.14 -3.34 -2.25
CA LEU A 170 -29.54 -3.38 -1.76
C LEU A 170 -29.61 -3.36 -0.24
N GLN A 171 -30.45 -2.48 0.29
CA GLN A 171 -30.59 -2.37 1.73
C GLN A 171 -31.37 -3.59 2.24
N ALA A 172 -30.88 -4.22 3.30
CA ALA A 172 -31.34 -5.55 3.72
C ALA A 172 -32.82 -5.58 4.11
N TRP A 173 -33.35 -4.50 4.73
CA TRP A 173 -34.73 -4.50 5.20
C TRP A 173 -35.74 -4.28 4.10
N TRP A 174 -35.31 -3.79 2.94
CA TRP A 174 -36.27 -3.30 1.96
C TRP A 174 -36.18 -3.99 0.62
N TYR A 175 -35.31 -5.00 0.47
CA TYR A 175 -35.09 -5.54 -0.87
C TYR A 175 -36.33 -6.18 -1.45
N LYS A 176 -37.26 -6.62 -0.60
CA LYS A 176 -38.48 -7.24 -1.09
C LYS A 176 -39.66 -6.29 -1.15
N ALA A 177 -39.45 -5.02 -0.79
CA ALA A 177 -40.55 -4.09 -0.64
C ALA A 177 -40.98 -3.50 -1.98
N ASP A 178 -42.19 -2.97 -1.97
CA ASP A 178 -42.70 -2.22 -3.10
C ASP A 178 -42.17 -0.79 -3.04
N PRO A 179 -41.78 -0.22 -4.18
CA PRO A 179 -41.16 1.14 -4.16
C PRO A 179 -42.02 2.20 -3.50
N ASN A 180 -43.35 2.05 -3.53
CA ASN A 180 -44.23 2.99 -2.87
C ASN A 180 -43.89 3.11 -1.40
N ASP A 181 -43.33 2.05 -0.82
CA ASP A 181 -43.01 2.05 0.60
C ASP A 181 -41.59 2.47 0.91
N PHE A 182 -40.72 2.64 -0.10
CA PHE A 182 -39.34 3.00 0.18
C PHE A 182 -39.26 4.29 1.01
N THR A 183 -38.29 4.36 1.94
CA THR A 183 -38.08 5.54 2.77
C THR A 183 -37.19 6.56 2.06
N TYR A 184 -37.56 6.86 0.81
CA TYR A 184 -36.97 7.95 0.06
C TYR A 184 -37.37 9.30 0.68
N GLU A 185 -36.57 10.31 0.41
CA GLU A 185 -36.98 11.68 0.72
C GLU A 185 -38.19 12.07 -0.13
N ARG A 186 -39.27 12.53 0.51
CA ARG A 186 -40.52 12.80 -0.19
C ARG A 186 -40.93 14.28 -0.25
N ARG A 187 -40.13 15.22 0.24
CA ARG A 187 -40.47 16.65 0.16
C ARG A 187 -39.80 17.22 -1.08
N LYS A 188 -40.59 17.89 -1.93
CA LYS A 188 -40.00 18.48 -3.13
C LYS A 188 -38.99 19.57 -2.79
N GLU A 189 -38.89 19.99 -1.53
CA GLU A 189 -37.91 21.01 -1.18
C GLU A 189 -36.51 20.46 -1.21
N SER A 190 -36.37 19.14 -1.01
CA SER A 190 -35.07 18.51 -0.94
C SER A 190 -34.59 18.13 -2.33
N ALA A 191 -33.28 18.34 -2.56
CA ALA A 191 -32.61 17.85 -3.77
C ALA A 191 -32.69 16.34 -3.93
N ALA A 192 -32.94 15.59 -2.86
CA ALA A 192 -33.06 14.13 -2.89
C ALA A 192 -34.48 13.66 -3.15
N TYR A 193 -35.37 14.57 -3.50
CA TYR A 193 -36.78 14.26 -3.74
C TYR A 193 -36.99 13.13 -4.75
N ILE A 194 -37.75 12.12 -4.34
CA ILE A 194 -38.29 11.12 -5.26
C ILE A 194 -39.79 10.94 -5.05
N PRO A 195 -40.61 11.07 -6.10
CA PRO A 195 -42.07 10.92 -5.95
C PRO A 195 -42.50 9.52 -5.52
N PHE A 196 -43.67 9.43 -4.89
CA PHE A 196 -44.25 8.12 -4.59
C PHE A 196 -44.50 7.36 -5.88
N GLY A 197 -44.19 6.05 -5.86
CA GLY A 197 -44.31 5.20 -7.02
C GLY A 197 -43.09 5.12 -7.91
N GLU A 198 -42.14 6.07 -7.81
CA GLU A 198 -40.94 6.01 -8.63
C GLU A 198 -39.81 5.33 -7.83
N GLY A 199 -38.77 4.94 -8.54
CA GLY A 199 -37.61 4.30 -7.96
C GLY A 199 -37.53 2.81 -8.31
N ASP A 200 -36.30 2.30 -8.39
CA ASP A 200 -36.09 0.90 -8.73
C ASP A 200 -35.85 0.06 -7.49
N PHE A 201 -34.93 0.50 -6.63
CA PHE A 201 -34.58 -0.22 -5.42
C PHE A 201 -34.33 0.79 -4.32
N TYR A 202 -34.23 0.32 -3.11
CA TYR A 202 -33.74 1.15 -2.04
C TYR A 202 -32.30 0.75 -1.75
N TYR A 203 -31.37 1.63 -2.12
CA TYR A 203 -29.96 1.35 -1.93
C TYR A 203 -29.47 1.81 -0.57
N HIS A 204 -28.47 1.09 -0.09
CA HIS A 204 -27.88 1.30 1.22
C HIS A 204 -26.59 2.12 1.08
N ALA A 205 -26.46 3.21 1.87
CA ALA A 205 -25.28 4.07 1.75
C ALA A 205 -24.04 3.46 2.40
N ALA A 206 -24.18 2.31 3.08
CA ALA A 206 -23.09 1.71 3.84
C ALA A 206 -22.07 1.03 2.93
N ILE A 207 -22.41 0.78 1.68
CA ILE A 207 -21.48 0.28 0.68
C ILE A 207 -21.80 0.90 -0.66
N PHE A 208 -20.80 1.49 -1.32
CA PHE A 208 -20.94 1.80 -2.73
C PHE A 208 -19.56 1.87 -3.32
N GLY A 209 -19.49 1.75 -4.63
CA GLY A 209 -18.19 1.73 -5.26
C GLY A 209 -18.29 1.91 -6.76
N GLY A 210 -17.12 1.89 -7.38
CA GLY A 210 -17.02 1.88 -8.81
C GLY A 210 -15.58 2.19 -9.21
N THR A 211 -15.42 2.60 -10.45
CA THR A 211 -14.14 3.17 -10.81
C THR A 211 -14.00 4.47 -10.09
N PRO A 212 -12.76 4.94 -9.87
CA PRO A 212 -12.58 6.25 -9.23
C PRO A 212 -13.32 7.39 -9.92
N THR A 213 -13.37 7.36 -11.25
CA THR A 213 -14.12 8.38 -11.99
C THR A 213 -15.60 8.39 -11.61
N GLN A 214 -16.22 7.22 -11.61
CA GLN A 214 -17.64 7.13 -11.26
C GLN A 214 -17.88 7.49 -9.81
N VAL A 215 -17.00 7.02 -8.90
CA VAL A 215 -17.16 7.34 -7.50
C VAL A 215 -16.98 8.84 -7.27
N LEU A 216 -16.11 9.50 -8.04
CA LEU A 216 -16.00 10.96 -7.91
C LEU A 216 -17.33 11.61 -8.27
N ASN A 217 -18.02 11.06 -9.28
CA ASN A 217 -19.29 11.66 -9.69
C ASN A 217 -20.36 11.43 -8.64
N ILE A 218 -20.43 10.21 -8.09
CA ILE A 218 -21.36 9.91 -7.02
C ILE A 218 -21.16 10.87 -5.89
N THR A 219 -19.93 10.98 -5.44
CA THR A 219 -19.74 11.75 -4.22
C THR A 219 -19.94 13.23 -4.47
N GLN A 220 -19.55 13.72 -5.66
CA GLN A 220 -19.66 15.15 -5.96
C GLN A 220 -21.13 15.55 -6.08
N GLU A 221 -21.95 14.72 -6.75
CA GLU A 221 -23.38 14.97 -6.84
C GLU A 221 -24.06 14.88 -5.48
N CYS A 222 -23.78 13.83 -4.71
CA CYS A 222 -24.34 13.77 -3.37
C CYS A 222 -23.94 14.98 -2.52
N PHE A 223 -22.68 15.39 -2.57
CA PHE A 223 -22.26 16.56 -1.79
C PHE A 223 -23.00 17.83 -2.21
N LYS A 224 -23.16 18.04 -3.52
CA LYS A 224 -23.90 19.19 -4.01
C LYS A 224 -25.34 19.19 -3.51
N GLY A 225 -25.97 18.01 -3.49
CA GLY A 225 -27.35 17.97 -3.04
C GLY A 225 -27.49 18.21 -1.55
N ILE A 226 -26.58 17.65 -0.76
CA ILE A 226 -26.58 17.93 0.66
C ILE A 226 -26.39 19.42 0.91
N LEU A 227 -25.43 20.02 0.21
CA LEU A 227 -25.16 21.44 0.36
C LEU A 227 -26.38 22.26 0.00
N LYS A 228 -26.95 21.96 -1.17
CA LYS A 228 -28.17 22.62 -1.62
C LYS A 228 -29.30 22.50 -0.60
N ASP A 229 -29.45 21.34 0.04
CA ASP A 229 -30.45 21.21 1.09
C ASP A 229 -30.08 22.07 2.30
N LYS A 230 -28.79 22.14 2.62
CA LYS A 230 -28.39 22.86 3.82
C LYS A 230 -28.62 24.37 3.65
N LYS A 231 -28.36 24.90 2.44
CA LYS A 231 -28.61 26.30 2.15
C LYS A 231 -30.10 26.62 2.15
N ASN A 232 -30.95 25.60 2.01
CA ASN A 232 -32.39 25.79 2.09
C ASN A 232 -32.93 25.34 3.43
N ASP A 233 -32.07 25.07 4.40
CA ASP A 233 -32.52 24.78 5.76
C ASP A 233 -33.32 23.49 5.83
N ILE A 234 -32.88 22.48 5.08
CA ILE A 234 -33.60 21.21 5.04
C ILE A 234 -32.56 20.10 5.13
N GLU A 235 -32.98 19.00 5.75
CA GLU A 235 -32.14 17.85 6.04
C GLU A 235 -32.88 16.62 5.53
N ALA A 236 -32.33 15.98 4.48
CA ALA A 236 -32.96 14.79 3.89
C ALA A 236 -33.21 13.73 4.96
N GLN A 237 -34.30 12.96 4.77
CA GLN A 237 -34.75 11.96 5.76
C GLN A 237 -33.60 11.05 6.22
N TRP A 238 -32.78 10.57 5.29
CA TRP A 238 -31.69 9.65 5.61
C TRP A 238 -30.37 10.20 5.10
N HIS A 239 -30.26 11.53 5.08
CA HIS A 239 -29.01 12.26 4.86
C HIS A 239 -28.39 11.72 3.57
N ASP A 240 -27.11 11.33 3.58
CA ASP A 240 -26.44 11.00 2.33
C ASP A 240 -27.12 9.84 1.62
N GLU A 241 -27.77 8.97 2.38
CA GLU A 241 -28.45 7.82 1.77
C GLU A 241 -29.62 8.26 0.92
N SER A 242 -30.30 9.34 1.31
CA SER A 242 -31.41 9.80 0.48
C SER A 242 -30.89 10.35 -0.81
N HIS A 243 -29.82 11.12 -0.73
CA HIS A 243 -29.20 11.71 -1.93
C HIS A 243 -28.57 10.60 -2.80
N LEU A 244 -28.00 9.60 -2.16
CA LEU A 244 -27.45 8.48 -2.93
C LEU A 244 -28.55 7.77 -3.69
N ASN A 245 -29.70 7.60 -3.05
CA ASN A 245 -30.78 6.94 -3.75
C ASN A 245 -31.31 7.77 -4.90
N LYS A 246 -31.41 9.09 -4.71
CA LYS A 246 -31.73 9.97 -5.83
C LYS A 246 -30.70 9.81 -6.95
N TYR A 247 -29.42 9.80 -6.60
CA TYR A 247 -28.36 9.73 -7.61
C TYR A 247 -28.46 8.45 -8.46
N PHE A 248 -28.62 7.31 -7.79
CA PHE A 248 -28.71 6.05 -8.50
C PHE A 248 -30.02 5.89 -9.24
N LEU A 249 -31.06 6.65 -8.88
CA LEU A 249 -32.24 6.67 -9.72
C LEU A 249 -31.93 7.33 -11.04
N LEU A 250 -31.18 8.42 -11.00
CA LEU A 250 -30.89 9.15 -12.22
C LEU A 250 -29.72 8.54 -12.98
N ASN A 251 -28.74 7.96 -12.28
CA ASN A 251 -27.54 7.39 -12.89
C ASN A 251 -27.49 5.92 -12.46
N LYS A 252 -28.14 5.05 -13.23
CA LYS A 252 -28.36 3.67 -12.81
C LYS A 252 -27.04 2.96 -12.54
N PRO A 253 -26.95 2.14 -11.50
CA PRO A 253 -25.69 1.44 -11.24
C PRO A 253 -25.48 0.37 -12.31
N THR A 254 -24.22 0.09 -12.66
CA THR A 254 -23.97 -0.97 -13.62
C THR A 254 -23.93 -2.33 -12.97
N LYS A 255 -23.93 -2.40 -11.65
CA LYS A 255 -23.98 -3.65 -10.90
C LYS A 255 -24.60 -3.39 -9.52
N ILE A 256 -25.43 -4.32 -9.06
CA ILE A 256 -26.03 -4.25 -7.74
C ILE A 256 -25.70 -5.51 -6.95
N LEU A 257 -25.41 -5.33 -5.68
CA LEU A 257 -25.11 -6.42 -4.77
C LEU A 257 -26.35 -6.80 -3.97
N SER A 258 -26.59 -8.10 -3.82
CA SER A 258 -27.70 -8.57 -3.00
C SER A 258 -27.49 -8.23 -1.50
N PRO A 259 -28.54 -8.32 -0.69
CA PRO A 259 -28.35 -8.17 0.77
C PRO A 259 -27.45 -9.22 1.40
N GLU A 260 -27.12 -10.32 0.71
CA GLU A 260 -26.05 -11.18 1.22
C GLU A 260 -24.77 -10.39 1.46
N TYR A 261 -24.55 -9.31 0.70
CA TYR A 261 -23.33 -8.53 0.81
C TYR A 261 -23.41 -7.48 1.88
N CYS A 262 -24.56 -7.30 2.54
CA CYS A 262 -24.64 -6.37 3.64
C CYS A 262 -25.88 -6.71 4.48
N TRP A 263 -25.80 -7.78 5.28
CA TRP A 263 -26.97 -8.41 5.87
C TRP A 263 -27.10 -7.99 7.33
N ASP A 264 -28.34 -7.67 7.74
CA ASP A 264 -28.63 -7.36 9.13
C ASP A 264 -29.19 -8.62 9.78
N TYR A 265 -28.40 -9.28 10.65
CA TYR A 265 -28.82 -10.56 11.22
C TYR A 265 -30.02 -10.40 12.15
N HIS A 266 -30.33 -9.16 12.57
CA HIS A 266 -31.53 -8.95 13.38
C HIS A 266 -32.80 -9.26 12.62
N ILE A 267 -32.74 -9.23 11.28
CA ILE A 267 -33.88 -9.58 10.46
C ILE A 267 -34.20 -11.06 10.63
N GLY A 268 -33.18 -11.88 10.88
CA GLY A 268 -33.23 -13.33 10.76
C GLY A 268 -32.33 -13.82 9.64
N LEU A 269 -32.60 -15.06 9.21
CA LEU A 269 -31.88 -15.68 8.10
C LEU A 269 -32.89 -16.35 7.19
N PRO A 270 -33.51 -15.60 6.29
CA PRO A 270 -34.43 -16.22 5.33
C PRO A 270 -33.70 -17.01 4.26
N ALA A 271 -34.48 -17.77 3.50
CA ALA A 271 -33.93 -18.70 2.52
C ALA A 271 -33.16 -17.96 1.43
N ASP A 272 -33.63 -16.78 1.03
CA ASP A 272 -32.95 -15.90 0.07
C ASP A 272 -31.49 -15.63 0.42
N ILE A 273 -31.13 -15.67 1.70
CA ILE A 273 -29.81 -15.27 2.15
C ILE A 273 -28.98 -16.53 2.37
N LYS A 274 -28.28 -16.94 1.30
CA LYS A 274 -27.57 -18.21 1.24
C LYS A 274 -26.21 -18.16 1.93
N LEU A 275 -25.44 -17.10 1.68
CA LEU A 275 -24.13 -16.99 2.32
C LEU A 275 -23.82 -15.53 2.56
N VAL A 276 -23.64 -15.16 3.80
CA VAL A 276 -23.50 -13.74 4.14
C VAL A 276 -22.05 -13.35 3.95
N LYS A 277 -21.80 -12.28 3.18
CA LYS A 277 -20.45 -11.78 2.97
C LYS A 277 -20.08 -10.65 3.91
N MET A 278 -21.04 -9.84 4.32
N MET A 278 -21.04 -9.82 4.28
CA MET A 278 -20.78 -8.76 5.24
CA MET A 278 -20.81 -8.78 5.26
C MET A 278 -22.07 -8.57 6.02
C MET A 278 -22.08 -8.62 6.05
N SER A 279 -21.94 -8.26 7.31
CA SER A 279 -23.08 -8.07 8.19
C SER A 279 -22.98 -6.73 8.89
N TRP A 280 -24.16 -6.19 9.24
CA TRP A 280 -24.20 -5.01 10.08
C TRP A 280 -23.63 -5.37 11.45
N GLN A 281 -22.92 -4.43 12.06
CA GLN A 281 -22.28 -4.74 13.33
C GLN A 281 -23.30 -5.08 14.40
N THR A 282 -22.97 -6.10 15.19
CA THR A 282 -23.79 -6.68 16.27
C THR A 282 -25.26 -6.28 16.26
N LYS B 6 13.56 -3.38 -24.04
CA LYS B 6 14.67 -3.66 -23.14
C LYS B 6 15.61 -2.45 -23.01
N LEU B 7 16.30 -2.33 -21.88
CA LEU B 7 17.02 -1.11 -21.51
C LEU B 7 18.53 -1.29 -21.69
N LYS B 8 19.13 -0.38 -22.42
CA LYS B 8 20.57 -0.37 -22.68
C LYS B 8 21.23 0.53 -21.65
N LEU B 9 22.34 0.07 -21.06
CA LEU B 9 23.04 0.91 -20.09
C LEU B 9 23.29 2.29 -20.66
N SER B 10 23.64 2.36 -21.95
CA SER B 10 23.92 3.61 -22.66
C SER B 10 22.73 4.53 -22.77
N ASP B 11 21.50 4.02 -22.65
CA ASP B 11 20.33 4.87 -22.82
C ASP B 11 20.09 5.80 -21.64
N TRP B 12 20.72 5.54 -20.49
CA TRP B 12 20.46 6.31 -19.28
C TRP B 12 21.73 6.68 -18.52
N PHE B 13 22.86 6.03 -18.79
CA PHE B 13 24.06 6.22 -18.00
C PHE B 13 25.18 6.71 -18.90
N ASN B 14 25.88 7.74 -18.43
CA ASN B 14 26.96 8.37 -19.19
C ASN B 14 28.08 8.66 -18.21
N PRO B 15 29.01 7.72 -18.04
CA PRO B 15 30.06 7.92 -17.04
C PRO B 15 31.00 9.04 -17.39
N PHE B 16 30.99 9.50 -18.64
CA PHE B 16 31.87 10.61 -19.04
C PHE B 16 31.43 11.92 -18.44
N LYS B 17 30.25 11.97 -17.81
CA LYS B 17 29.86 13.19 -17.12
C LYS B 17 30.58 13.37 -15.80
N ARG B 18 31.22 12.34 -15.27
CA ARG B 18 31.96 12.44 -14.01
C ARG B 18 33.31 11.77 -14.24
N PRO B 19 34.20 12.42 -14.99
CA PRO B 19 35.45 11.75 -15.42
C PRO B 19 36.40 11.49 -14.26
N GLU B 20 36.23 12.21 -13.15
CA GLU B 20 37.21 12.21 -12.06
C GLU B 20 36.90 11.21 -10.96
N VAL B 21 35.93 10.30 -11.14
CA VAL B 21 35.63 9.28 -10.15
C VAL B 21 35.41 7.94 -10.87
N VAL B 22 35.37 6.88 -10.07
CA VAL B 22 35.10 5.53 -10.57
C VAL B 22 33.64 5.47 -10.99
N THR B 23 33.37 5.40 -12.30
CA THR B 23 32.01 5.29 -12.79
C THR B 23 31.66 3.88 -13.28
N MET B 24 32.62 2.97 -13.34
CA MET B 24 32.40 1.62 -13.86
C MET B 24 33.37 0.66 -13.19
N THR B 25 32.87 -0.52 -12.80
CA THR B 25 33.70 -1.53 -12.18
C THR B 25 34.39 -2.38 -13.24
N LYS B 26 35.33 -3.23 -12.81
CA LYS B 26 35.99 -4.11 -13.78
C LYS B 26 35.03 -5.17 -14.30
N TRP B 27 34.02 -5.58 -13.49
CA TRP B 27 32.97 -6.45 -14.04
C TRP B 27 31.86 -5.68 -14.75
N LYS B 28 32.11 -4.46 -15.22
CA LYS B 28 31.21 -3.70 -16.09
C LYS B 28 29.95 -3.18 -15.37
N ALA B 29 29.92 -3.14 -14.04
CA ALA B 29 28.73 -2.57 -13.36
C ALA B 29 28.84 -1.05 -13.23
N PRO B 30 27.76 -0.31 -13.48
CA PRO B 30 27.81 1.16 -13.32
C PRO B 30 27.87 1.58 -11.86
N VAL B 31 28.58 2.67 -11.60
CA VAL B 31 28.60 3.33 -10.30
C VAL B 31 27.88 4.66 -10.50
N VAL B 32 26.74 4.83 -9.84
CA VAL B 32 25.82 5.92 -10.14
C VAL B 32 26.22 7.13 -9.29
N TRP B 33 26.72 8.17 -9.96
CA TRP B 33 27.07 9.50 -9.42
C TRP B 33 26.13 10.56 -9.98
N GLU B 34 25.96 11.65 -9.24
CA GLU B 34 25.20 12.78 -9.77
C GLU B 34 25.87 13.25 -11.05
N GLY B 35 25.08 13.48 -12.09
CA GLY B 35 25.54 13.88 -13.40
C GLY B 35 25.54 12.74 -14.43
N THR B 36 25.68 11.50 -14.00
CA THR B 36 25.82 10.37 -14.93
C THR B 36 24.49 9.76 -15.38
N TYR B 37 23.36 10.14 -14.80
CA TYR B 37 22.11 9.43 -15.03
C TYR B 37 21.11 10.37 -15.68
N ASN B 38 20.22 9.77 -16.46
CA ASN B 38 19.11 10.47 -17.08
C ASN B 38 17.82 9.90 -16.48
N ARG B 39 17.31 10.57 -15.44
CA ARG B 39 16.18 10.02 -14.70
C ARG B 39 14.90 10.12 -15.52
N ALA B 40 14.78 11.13 -16.37
CA ALA B 40 13.59 11.24 -17.19
C ALA B 40 13.39 10.00 -18.04
N VAL B 41 14.47 9.54 -18.70
CA VAL B 41 14.37 8.35 -19.55
C VAL B 41 13.94 7.14 -18.72
N LEU B 42 14.58 6.94 -17.56
CA LEU B 42 14.22 5.80 -16.72
C LEU B 42 12.80 5.90 -16.21
N ASP B 43 12.38 7.10 -15.75
CA ASP B 43 11.03 7.28 -15.26
C ASP B 43 10.00 6.83 -16.29
N ASN B 44 10.21 7.23 -17.56
CA ASN B 44 9.27 6.85 -18.61
C ASN B 44 9.34 5.36 -18.92
N TYR B 45 10.51 4.76 -18.82
CA TYR B 45 10.65 3.34 -19.07
C TYR B 45 9.97 2.52 -17.98
N TYR B 46 10.22 2.85 -16.72
CA TYR B 46 9.67 2.06 -15.64
C TYR B 46 8.19 2.32 -15.46
N ALA B 47 7.72 3.52 -15.81
CA ALA B 47 6.30 3.80 -15.67
C ALA B 47 5.48 2.96 -16.64
N LYS B 48 5.99 2.79 -17.86
CA LYS B 48 5.36 1.87 -18.81
C LYS B 48 5.30 0.46 -18.27
N GLN B 49 6.31 0.05 -17.50
CA GLN B 49 6.30 -1.27 -16.88
C GLN B 49 5.39 -1.34 -15.66
N LYS B 50 5.01 -0.19 -15.10
CA LYS B 50 4.15 -0.16 -13.93
C LYS B 50 4.83 -0.86 -12.75
N ILE B 51 6.09 -0.50 -12.50
CA ILE B 51 6.83 -1.14 -11.41
C ILE B 51 6.35 -0.59 -10.07
N THR B 52 6.55 -1.41 -9.04
CA THR B 52 6.42 -0.95 -7.67
C THR B 52 7.74 -1.19 -6.96
N VAL B 53 8.08 -0.31 -6.04
CA VAL B 53 9.32 -0.42 -5.27
C VAL B 53 9.00 -0.52 -3.79
N GLY B 54 9.73 -1.39 -3.10
CA GLY B 54 9.53 -1.61 -1.67
C GLY B 54 10.74 -1.06 -0.93
N LEU B 55 10.49 -0.62 0.30
CA LEU B 55 11.54 -0.11 1.17
C LEU B 55 11.30 -0.66 2.56
N THR B 56 12.25 -1.42 3.08
CA THR B 56 12.11 -1.95 4.44
C THR B 56 12.98 -1.14 5.40
N VAL B 57 12.47 -0.95 6.59
CA VAL B 57 13.25 -0.31 7.66
C VAL B 57 12.81 -0.89 9.00
N PHE B 58 13.79 -1.14 9.86
CA PHE B 58 13.59 -1.63 11.23
C PHE B 58 13.87 -0.50 12.22
N ALA B 59 13.05 -0.42 13.27
CA ALA B 59 13.25 0.57 14.32
C ALA B 59 12.82 -0.02 15.65
N VAL B 60 13.76 -0.16 16.57
CA VAL B 60 13.54 -0.73 17.90
C VAL B 60 13.84 0.32 18.96
N GLY B 61 13.09 0.24 20.06
CA GLY B 61 13.42 1.03 21.26
C GLY B 61 13.45 2.53 21.02
N ARG B 62 14.55 3.16 21.41
CA ARG B 62 14.67 4.62 21.28
C ARG B 62 14.77 5.05 19.81
N TYR B 63 15.13 4.13 18.90
CA TYR B 63 15.27 4.49 17.49
C TYR B 63 13.92 4.90 16.89
N ILE B 64 12.82 4.41 17.44
CA ILE B 64 11.53 4.78 16.87
C ILE B 64 11.31 6.27 17.06
N GLU B 65 11.38 6.75 18.30
CA GLU B 65 11.10 8.16 18.57
C GLU B 65 12.20 9.05 18.00
N HIS B 66 13.45 8.59 17.99
CA HIS B 66 14.54 9.45 17.55
C HIS B 66 14.59 9.60 16.02
N TYR B 67 14.27 8.54 15.27
CA TYR B 67 14.69 8.50 13.88
C TYR B 67 13.58 8.17 12.88
N LEU B 68 12.53 7.45 13.30
CA LEU B 68 11.65 6.83 12.31
C LEU B 68 10.76 7.86 11.61
N GLU B 69 10.27 8.88 12.34
CA GLU B 69 9.44 9.89 11.69
C GLU B 69 10.22 10.62 10.60
N GLU B 70 11.47 11.00 10.88
CA GLU B 70 12.23 11.78 9.91
C GLU B 70 12.64 10.91 8.72
N PHE B 71 13.03 9.66 8.97
CA PHE B 71 13.26 8.72 7.88
C PHE B 71 12.05 8.65 6.96
N LEU B 72 10.85 8.40 7.52
CA LEU B 72 9.67 8.23 6.70
C LEU B 72 9.23 9.53 6.04
N THR B 73 9.32 10.66 6.75
CA THR B 73 8.94 11.92 6.13
C THR B 73 9.80 12.19 4.91
N SER B 74 11.11 12.02 5.05
CA SER B 74 11.99 12.31 3.93
C SER B 74 11.83 11.30 2.79
N ALA B 75 11.61 10.02 3.12
CA ALA B 75 11.39 9.01 2.10
C ALA B 75 10.16 9.34 1.27
N ASN B 76 9.06 9.72 1.94
CA ASN B 76 7.81 10.02 1.24
C ASN B 76 8.03 11.12 0.22
N LYS B 77 8.87 12.10 0.60
CA LYS B 77 9.18 13.27 -0.22
C LYS B 77 10.11 12.94 -1.38
N HIS B 78 11.12 12.07 -1.14
CA HIS B 78 12.24 11.93 -2.06
C HIS B 78 12.44 10.56 -2.72
N PHE B 79 11.80 9.47 -2.25
CA PHE B 79 12.12 8.09 -2.67
C PHE B 79 11.22 7.65 -3.82
N MET B 80 11.83 7.42 -5.00
CA MET B 80 11.11 6.86 -6.15
C MET B 80 9.87 7.67 -6.51
N VAL B 81 9.99 9.01 -6.47
CA VAL B 81 8.81 9.83 -6.75
C VAL B 81 8.29 9.55 -8.14
N GLY B 82 6.98 9.45 -8.26
CA GLY B 82 6.33 9.12 -9.50
C GLY B 82 5.97 7.64 -9.65
N HIS B 83 6.48 6.78 -8.78
CA HIS B 83 6.23 5.35 -8.89
C HIS B 83 5.62 4.82 -7.60
N PRO B 84 4.76 3.81 -7.67
CA PRO B 84 4.26 3.19 -6.44
C PRO B 84 5.39 2.72 -5.57
N VAL B 85 5.26 3.04 -4.29
CA VAL B 85 6.16 2.60 -3.24
C VAL B 85 5.35 2.02 -2.09
N ILE B 86 5.88 0.95 -1.49
CA ILE B 86 5.38 0.41 -0.24
C ILE B 86 6.48 0.46 0.81
N PHE B 87 6.18 1.07 1.95
CA PHE B 87 7.08 1.11 3.11
C PHE B 87 6.74 -0.03 4.07
N TYR B 88 7.68 -0.91 4.31
CA TYR B 88 7.51 -2.03 5.23
C TYR B 88 8.23 -1.68 6.54
N ILE B 89 7.47 -1.33 7.55
CA ILE B 89 8.04 -0.85 8.80
C ILE B 89 8.02 -1.97 9.84
N MET B 90 9.18 -2.28 10.38
CA MET B 90 9.39 -3.31 11.39
C MET B 90 9.79 -2.65 12.70
N VAL B 91 8.96 -2.81 13.74
CA VAL B 91 9.18 -2.17 15.03
C VAL B 91 8.86 -3.15 16.14
N ASP B 92 9.45 -2.90 17.30
CA ASP B 92 9.17 -3.73 18.46
C ASP B 92 7.93 -3.29 19.21
N ASP B 93 7.42 -2.09 18.96
CA ASP B 93 6.30 -1.54 19.74
C ASP B 93 5.41 -0.74 18.82
N VAL B 94 4.26 -1.29 18.47
CA VAL B 94 3.40 -0.64 17.51
C VAL B 94 2.84 0.66 18.07
N SER B 95 2.61 0.74 19.39
CA SER B 95 1.97 1.92 19.95
C SER B 95 2.81 3.19 19.79
N ARG B 96 4.12 3.06 19.65
CA ARG B 96 5.00 4.20 19.59
C ARG B 96 5.17 4.77 18.18
N MET B 97 4.70 4.07 17.15
CA MET B 97 5.24 4.41 15.85
C MET B 97 4.49 5.60 15.22
N PRO B 98 5.21 6.51 14.56
CA PRO B 98 4.57 7.73 14.05
C PRO B 98 3.87 7.50 12.72
N LEU B 99 2.64 7.94 12.64
CA LEU B 99 1.83 7.79 11.44
C LEU B 99 1.84 9.14 10.74
N ILE B 100 2.63 9.23 9.67
CA ILE B 100 2.72 10.45 8.88
C ILE B 100 1.76 10.33 7.71
N GLU B 101 1.41 11.48 7.17
CA GLU B 101 0.65 11.54 5.94
C GLU B 101 1.55 11.14 4.78
N LEU B 102 1.07 10.20 3.95
CA LEU B 102 1.82 9.79 2.79
C LEU B 102 1.23 10.42 1.53
N GLY B 103 2.08 10.60 0.54
CA GLY B 103 1.68 11.18 -0.72
C GLY B 103 1.17 10.20 -1.73
N PRO B 104 0.83 10.72 -2.90
CA PRO B 104 0.33 9.85 -3.98
C PRO B 104 1.29 8.72 -4.24
N LEU B 105 0.72 7.52 -4.48
CA LEU B 105 1.42 6.27 -4.84
C LEU B 105 2.26 5.68 -3.70
N ARG B 106 2.19 6.21 -2.51
CA ARG B 106 2.84 5.62 -1.34
C ARG B 106 1.81 4.97 -0.44
N SER B 107 2.18 3.84 0.18
CA SER B 107 1.37 3.15 1.19
C SER B 107 2.32 2.46 2.15
N PHE B 108 1.75 1.89 3.23
CA PHE B 108 2.51 1.40 4.37
C PHE B 108 2.02 0.01 4.74
N LYS B 109 2.91 -0.78 5.32
CA LYS B 109 2.59 -1.95 6.12
C LYS B 109 3.48 -2.00 7.35
N VAL B 110 2.90 -2.29 8.52
CA VAL B 110 3.65 -2.28 9.77
C VAL B 110 3.61 -3.66 10.42
N PHE B 111 4.76 -4.13 10.88
CA PHE B 111 4.89 -5.43 11.55
C PHE B 111 5.60 -5.26 12.87
N LYS B 112 5.13 -5.99 13.87
CA LYS B 112 5.75 -6.06 15.18
C LYS B 112 6.77 -7.18 15.19
N ILE B 113 7.96 -6.89 15.66
CA ILE B 113 9.04 -7.86 15.76
C ILE B 113 9.44 -8.00 17.23
N LYS B 114 10.15 -9.09 17.52
CA LYS B 114 10.70 -9.33 18.85
C LYS B 114 12.13 -8.81 18.88
N PRO B 115 12.46 -7.82 19.70
CA PRO B 115 13.81 -7.24 19.64
C PRO B 115 14.88 -8.15 20.24
N GLU B 116 16.09 -8.01 19.70
CA GLU B 116 17.27 -8.69 20.23
C GLU B 116 18.14 -7.69 20.98
N LYS B 117 19.01 -8.22 21.87
CA LYS B 117 19.91 -7.38 22.66
C LYS B 117 21.24 -7.17 21.96
N ARG B 118 22.01 -8.24 21.75
CA ARG B 118 23.36 -8.11 21.23
C ARG B 118 23.35 -7.75 19.75
N TRP B 119 24.38 -7.02 19.33
CA TRP B 119 24.48 -6.59 17.92
C TRP B 119 24.58 -7.78 16.98
N GLN B 120 25.21 -8.88 17.40
CA GLN B 120 25.24 -10.05 16.55
C GLN B 120 23.84 -10.64 16.34
N ASP B 121 23.03 -10.66 17.41
CA ASP B 121 21.67 -11.19 17.31
C ASP B 121 20.74 -10.23 16.56
N ILE B 122 20.94 -8.91 16.72
CA ILE B 122 20.16 -7.96 15.94
C ILE B 122 20.36 -8.21 14.46
N SER B 123 21.62 -8.20 14.01
CA SER B 123 21.91 -8.46 12.61
C SER B 123 21.28 -9.76 12.16
N MET B 124 21.44 -10.81 12.96
CA MET B 124 21.01 -12.12 12.53
C MET B 124 19.52 -12.13 12.30
N MET B 125 18.75 -11.53 13.21
CA MET B 125 17.31 -11.67 13.12
C MET B 125 16.70 -10.71 12.11
N ARG B 126 17.39 -9.63 11.76
CA ARG B 126 16.89 -8.75 10.69
C ARG B 126 17.03 -9.43 9.35
N MET B 127 18.18 -10.06 9.09
CA MET B 127 18.34 -10.84 7.87
C MET B 127 17.29 -11.96 7.81
N LYS B 128 17.09 -12.69 8.91
CA LYS B 128 16.11 -13.78 8.91
C LYS B 128 14.71 -13.24 8.64
N THR B 129 14.35 -12.15 9.33
CA THR B 129 13.02 -11.58 9.18
C THR B 129 12.78 -11.07 7.77
N ILE B 130 13.78 -10.41 7.17
CA ILE B 130 13.58 -9.88 5.83
C ILE B 130 13.25 -11.01 4.87
N GLY B 131 14.05 -12.09 4.94
CA GLY B 131 13.79 -13.26 4.11
C GLY B 131 12.39 -13.82 4.26
N GLU B 132 11.89 -13.86 5.51
CA GLU B 132 10.55 -14.40 5.74
C GLU B 132 9.51 -13.54 5.04
N HIS B 133 9.67 -12.22 5.09
CA HIS B 133 8.69 -11.32 4.51
C HIS B 133 8.79 -11.28 3.00
N ILE B 134 10.00 -11.49 2.42
CA ILE B 134 10.10 -11.55 0.96
C ILE B 134 9.28 -12.72 0.42
N VAL B 135 9.48 -13.91 1.01
CA VAL B 135 8.81 -15.07 0.47
C VAL B 135 7.34 -14.99 0.78
N ALA B 136 6.97 -14.46 1.96
CA ALA B 136 5.56 -14.43 2.35
C ALA B 136 4.75 -13.41 1.56
N HIS B 137 5.30 -12.22 1.26
CA HIS B 137 4.47 -11.24 0.56
C HIS B 137 5.25 -10.25 -0.32
N ILE B 138 6.48 -9.87 0.04
CA ILE B 138 7.11 -8.78 -0.71
C ILE B 138 7.41 -9.20 -2.14
N GLN B 139 7.76 -10.48 -2.39
CA GLN B 139 8.03 -10.88 -3.78
C GLN B 139 6.80 -10.76 -4.64
N HIS B 140 5.63 -10.84 -4.05
CA HIS B 140 4.39 -10.66 -4.77
C HIS B 140 3.96 -9.20 -4.89
N GLU B 141 4.58 -8.29 -4.14
CA GLU B 141 4.08 -6.92 -4.05
C GLU B 141 4.92 -5.91 -4.81
N VAL B 142 6.20 -6.18 -5.06
CA VAL B 142 7.11 -5.18 -5.61
C VAL B 142 8.08 -5.82 -6.58
N ASP B 143 8.62 -5.00 -7.48
CA ASP B 143 9.57 -5.47 -8.49
C ASP B 143 11.00 -5.29 -8.05
N PHE B 144 11.25 -4.31 -7.17
CA PHE B 144 12.55 -4.02 -6.57
C PHE B 144 12.32 -3.72 -5.10
N LEU B 145 13.31 -4.04 -4.28
CA LEU B 145 13.26 -3.82 -2.83
C LEU B 145 14.58 -3.22 -2.35
N PHE B 146 14.49 -2.19 -1.51
CA PHE B 146 15.64 -1.69 -0.78
C PHE B 146 15.44 -1.95 0.71
N CYS B 147 16.52 -2.31 1.40
CA CYS B 147 16.56 -2.42 2.85
C CYS B 147 17.47 -1.32 3.37
N MET B 148 16.98 -0.52 4.32
CA MET B 148 17.78 0.61 4.79
C MET B 148 17.75 0.71 6.31
N ASP B 149 18.82 1.28 6.84
CA ASP B 149 18.86 1.70 8.23
C ASP B 149 17.98 2.92 8.48
N VAL B 150 17.34 2.94 9.64
CA VAL B 150 16.41 4.03 9.93
C VAL B 150 17.15 5.34 10.26
N ASP B 151 18.43 5.27 10.64
CA ASP B 151 19.09 6.46 11.19
C ASP B 151 19.83 7.20 10.09
N GLN B 152 19.01 7.68 9.16
CA GLN B 152 19.49 8.41 8.00
C GLN B 152 18.28 9.14 7.42
N VAL B 153 18.55 10.10 6.55
CA VAL B 153 17.51 10.98 6.05
C VAL B 153 17.71 11.21 4.56
N PHE B 154 16.62 11.18 3.82
CA PHE B 154 16.69 11.54 2.41
C PHE B 154 16.78 13.06 2.31
N GLN B 155 17.67 13.56 1.43
CA GLN B 155 17.89 14.99 1.24
C GLN B 155 17.49 15.47 -0.14
N ASP B 156 17.44 14.58 -1.12
CA ASP B 156 16.99 14.92 -2.46
C ASP B 156 16.52 13.64 -3.16
N LYS B 157 16.25 13.75 -4.45
CA LYS B 157 15.61 12.68 -5.19
C LYS B 157 16.52 11.47 -5.20
N PHE B 158 15.94 10.32 -4.84
CA PHE B 158 16.60 9.02 -4.77
C PHE B 158 15.65 8.14 -5.59
N GLY B 159 15.92 8.09 -6.89
CA GLY B 159 14.98 7.63 -7.85
C GLY B 159 15.36 6.35 -8.56
N VAL B 160 14.74 6.12 -9.71
CA VAL B 160 14.84 4.84 -10.39
C VAL B 160 16.22 4.60 -10.99
N GLU B 161 17.08 5.63 -11.05
CA GLU B 161 18.45 5.44 -11.45
C GLU B 161 19.19 4.49 -10.51
N THR B 162 18.64 4.26 -9.32
CA THR B 162 19.27 3.36 -8.38
C THR B 162 18.80 1.91 -8.54
N LEU B 163 17.84 1.62 -9.42
CA LEU B 163 17.28 0.26 -9.48
C LEU B 163 18.18 -0.71 -10.25
N GLY B 164 18.21 -1.96 -9.80
CA GLY B 164 18.97 -3.00 -10.49
C GLY B 164 18.78 -4.34 -9.81
N GLU B 165 19.41 -5.37 -10.39
CA GLU B 165 19.17 -6.72 -9.87
C GLU B 165 19.74 -6.88 -8.48
N SER B 166 20.94 -6.35 -8.26
CA SER B 166 21.56 -6.30 -6.94
C SER B 166 22.33 -5.00 -6.83
N VAL B 167 22.02 -4.24 -5.79
CA VAL B 167 22.45 -2.84 -5.65
C VAL B 167 23.19 -2.74 -4.33
N ALA B 168 24.45 -2.29 -4.39
CA ALA B 168 25.27 -2.07 -3.20
C ALA B 168 25.58 -0.57 -3.04
N GLN B 169 25.92 -0.17 -1.82
CA GLN B 169 26.21 1.25 -1.50
C GLN B 169 27.68 1.42 -1.13
N LEU B 170 28.37 2.37 -1.77
CA LEU B 170 29.72 2.68 -1.30
C LEU B 170 29.67 3.41 0.03
N GLN B 171 30.42 2.88 1.02
CA GLN B 171 30.53 3.49 2.33
C GLN B 171 31.29 4.81 2.22
N ALA B 172 30.76 5.88 2.84
CA ALA B 172 31.26 7.23 2.51
C ALA B 172 32.73 7.44 2.90
N TRP B 173 33.17 6.87 4.03
CA TRP B 173 34.51 7.07 4.55
C TRP B 173 35.61 6.36 3.76
N TRP B 174 35.26 5.35 2.95
CA TRP B 174 36.26 4.42 2.42
C TRP B 174 36.27 4.34 0.91
N TYR B 175 35.50 5.16 0.21
CA TYR B 175 35.36 4.99 -1.23
C TYR B 175 36.65 5.28 -2.00
N LYS B 176 37.59 5.99 -1.38
CA LYS B 176 38.85 6.34 -2.04
C LYS B 176 40.01 5.48 -1.56
N ALA B 177 39.79 4.70 -0.51
CA ALA B 177 40.86 3.92 0.09
C ALA B 177 41.24 2.73 -0.78
N ASP B 178 42.39 2.07 -0.35
CA ASP B 178 42.98 0.89 -0.92
C ASP B 178 42.37 -0.35 -0.27
N PRO B 179 42.02 -1.38 -1.04
CA PRO B 179 41.35 -2.54 -0.44
C PRO B 179 42.04 -3.06 0.78
N ASN B 180 43.36 -2.95 0.84
CA ASN B 180 44.10 -3.53 1.97
C ASN B 180 43.83 -2.76 3.24
N ASP B 181 43.32 -1.54 3.13
CA ASP B 181 42.95 -0.76 4.30
C ASP B 181 41.51 -0.99 4.75
N PHE B 182 40.65 -1.54 3.89
CA PHE B 182 39.25 -1.76 4.25
C PHE B 182 39.15 -2.51 5.56
N THR B 183 38.15 -2.16 6.36
CA THR B 183 37.91 -2.88 7.61
C THR B 183 37.10 -4.15 7.41
N TYR B 184 37.38 -4.94 6.37
CA TYR B 184 36.83 -6.29 6.29
C TYR B 184 37.14 -7.06 7.57
N GLU B 185 36.35 -8.08 7.88
CA GLU B 185 36.78 -9.07 8.86
C GLU B 185 37.98 -9.81 8.29
N ARG B 186 38.97 -10.07 9.14
CA ARG B 186 40.25 -10.57 8.67
C ARG B 186 40.65 -11.91 9.29
N ARG B 187 39.90 -12.42 10.27
CA ARG B 187 40.20 -13.71 10.90
C ARG B 187 39.60 -14.87 10.12
N LYS B 188 40.46 -15.82 9.72
CA LYS B 188 40.03 -16.99 8.96
C LYS B 188 38.94 -17.80 9.65
N GLU B 189 38.73 -17.60 10.95
CA GLU B 189 37.72 -18.34 11.69
C GLU B 189 36.32 -17.69 11.61
N SER B 190 36.13 -16.69 10.75
CA SER B 190 34.82 -16.09 10.49
C SER B 190 34.40 -16.41 9.06
N ALA B 191 33.12 -16.73 8.86
CA ALA B 191 32.61 -16.88 7.50
C ALA B 191 32.80 -15.60 6.70
N ALA B 192 32.82 -14.44 7.38
CA ALA B 192 33.01 -13.15 6.72
C ALA B 192 34.46 -12.88 6.34
N TYR B 193 35.38 -13.77 6.70
CA TYR B 193 36.81 -13.59 6.39
C TYR B 193 37.02 -13.26 4.93
N ILE B 194 37.76 -12.18 4.69
CA ILE B 194 38.30 -11.83 3.38
C ILE B 194 39.81 -11.64 3.57
N PRO B 195 40.68 -12.28 2.78
CA PRO B 195 42.13 -12.06 2.94
C PRO B 195 42.62 -10.73 2.37
N PHE B 196 43.64 -10.18 3.04
CA PHE B 196 44.39 -9.05 2.48
C PHE B 196 44.77 -9.35 1.03
N GLY B 197 44.85 -8.32 0.21
CA GLY B 197 45.00 -8.50 -1.22
C GLY B 197 43.74 -8.86 -1.97
N GLU B 198 42.58 -8.93 -1.29
CA GLU B 198 41.31 -9.23 -1.92
C GLU B 198 40.28 -8.19 -1.53
N GLY B 199 39.36 -7.90 -2.47
CA GLY B 199 38.29 -6.94 -2.23
C GLY B 199 38.19 -5.91 -3.33
N ASP B 200 36.97 -5.64 -3.81
CA ASP B 200 36.78 -4.57 -4.79
C ASP B 200 36.49 -3.23 -4.10
N PHE B 201 35.55 -3.21 -3.15
CA PHE B 201 35.09 -1.98 -2.52
C PHE B 201 34.69 -2.31 -1.09
N TYR B 202 34.52 -1.25 -0.29
CA TYR B 202 33.93 -1.40 1.03
C TYR B 202 32.49 -0.92 0.96
N TYR B 203 31.56 -1.86 1.05
CA TYR B 203 30.14 -1.57 0.93
C TYR B 203 29.52 -1.30 2.28
N HIS B 204 28.53 -0.42 2.28
CA HIS B 204 27.84 -0.01 3.49
C HIS B 204 26.55 -0.80 3.64
N ALA B 205 26.36 -1.46 4.80
CA ALA B 205 25.15 -2.24 5.08
C ALA B 205 23.91 -1.40 5.32
N ALA B 206 24.04 -0.06 5.34
CA ALA B 206 22.89 0.80 5.60
C ALA B 206 21.94 0.91 4.42
N ILE B 207 22.40 0.59 3.20
CA ILE B 207 21.56 0.54 2.01
C ILE B 207 22.01 -0.64 1.15
N PHE B 208 21.09 -1.55 0.88
CA PHE B 208 21.29 -2.55 -0.16
C PHE B 208 19.93 -2.90 -0.73
N GLY B 209 19.95 -3.34 -1.99
CA GLY B 209 18.70 -3.73 -2.61
C GLY B 209 18.88 -4.55 -3.86
N GLY B 210 17.78 -4.67 -4.58
CA GLY B 210 17.73 -5.52 -5.77
C GLY B 210 16.32 -5.98 -6.02
N THR B 211 16.19 -7.00 -6.88
CA THR B 211 14.92 -7.71 -6.98
C THR B 211 14.64 -8.43 -5.68
N PRO B 212 13.39 -8.72 -5.39
CA PRO B 212 13.11 -9.48 -4.19
C PRO B 212 13.91 -10.79 -4.11
N THR B 213 14.04 -11.51 -5.21
CA THR B 213 14.80 -12.77 -5.22
C THR B 213 16.28 -12.58 -4.89
N GLN B 214 16.90 -11.54 -5.44
CA GLN B 214 18.30 -11.27 -5.10
C GLN B 214 18.45 -10.88 -3.64
N VAL B 215 17.55 -10.01 -3.15
CA VAL B 215 17.70 -9.58 -1.77
C VAL B 215 17.54 -10.78 -0.85
N LEU B 216 16.60 -11.66 -1.18
CA LEU B 216 16.40 -12.88 -0.42
C LEU B 216 17.72 -13.68 -0.32
N ASN B 217 18.40 -13.83 -1.43
CA ASN B 217 19.68 -14.53 -1.44
C ASN B 217 20.72 -13.81 -0.58
N ILE B 218 20.76 -12.47 -0.67
CA ILE B 218 21.66 -11.73 0.20
C ILE B 218 21.37 -12.07 1.65
N THR B 219 20.11 -11.94 2.06
CA THR B 219 19.81 -12.09 3.48
C THR B 219 19.92 -13.56 3.92
N GLN B 220 19.75 -14.53 3.00
CA GLN B 220 19.99 -15.94 3.34
C GLN B 220 21.46 -16.20 3.64
N GLU B 221 22.32 -15.83 2.71
CA GLU B 221 23.75 -16.03 2.90
C GLU B 221 24.26 -15.28 4.13
N CYS B 222 23.94 -13.99 4.25
CA CYS B 222 24.32 -13.25 5.45
C CYS B 222 23.78 -13.91 6.71
N PHE B 223 22.51 -14.32 6.72
CA PHE B 223 21.97 -15.00 7.89
C PHE B 223 22.85 -16.19 8.28
N LYS B 224 23.24 -16.99 7.28
CA LYS B 224 23.96 -18.24 7.53
C LYS B 224 25.40 -17.99 7.97
N GLY B 225 26.05 -16.97 7.40
CA GLY B 225 27.35 -16.56 7.89
C GLY B 225 27.32 -16.17 9.37
N ILE B 226 26.30 -15.41 9.76
CA ILE B 226 26.23 -14.93 11.13
C ILE B 226 25.95 -16.09 12.08
N LEU B 227 25.01 -16.96 11.72
CA LEU B 227 24.74 -18.15 12.53
C LEU B 227 26.01 -18.97 12.71
N LYS B 228 26.72 -19.21 11.62
CA LYS B 228 27.97 -19.95 11.69
C LYS B 228 28.85 -19.35 12.79
N ASP B 229 29.24 -18.08 12.62
CA ASP B 229 30.06 -17.39 13.61
C ASP B 229 29.51 -17.54 15.02
N LYS B 230 28.23 -17.25 15.21
CA LYS B 230 27.67 -17.34 16.56
C LYS B 230 27.85 -18.74 17.14
N LYS B 231 27.85 -19.78 16.30
CA LYS B 231 27.99 -21.13 16.81
C LYS B 231 29.44 -21.40 17.20
N ASN B 232 30.39 -20.86 16.44
CA ASN B 232 31.82 -20.86 16.76
C ASN B 232 32.20 -19.84 17.84
N ASP B 233 31.23 -19.25 18.53
CA ASP B 233 31.48 -18.30 19.61
C ASP B 233 32.38 -17.14 19.15
N ILE B 234 31.88 -16.41 18.14
CA ILE B 234 32.66 -15.35 17.51
C ILE B 234 31.72 -14.31 16.90
N GLU B 235 32.21 -13.08 16.80
CA GLU B 235 31.47 -11.93 16.27
C GLU B 235 32.35 -11.25 15.23
N ALA B 236 31.88 -11.17 13.98
CA ALA B 236 32.64 -10.51 12.94
C ALA B 236 32.79 -9.01 13.22
N GLN B 237 33.87 -8.43 12.69
CA GLN B 237 34.26 -7.07 13.02
C GLN B 237 33.06 -6.11 13.05
N TRP B 238 32.40 -5.95 11.90
CA TRP B 238 31.25 -5.05 11.74
C TRP B 238 29.96 -5.82 11.51
N HIS B 239 29.80 -6.95 12.20
CA HIS B 239 28.58 -7.77 12.22
C HIS B 239 28.06 -7.96 10.79
N ASP B 240 26.80 -7.65 10.51
CA ASP B 240 26.22 -8.04 9.22
C ASP B 240 26.94 -7.35 8.08
N GLU B 241 27.55 -6.19 8.33
CA GLU B 241 28.24 -5.48 7.26
C GLU B 241 29.48 -6.25 6.78
N SER B 242 30.16 -6.94 7.69
CA SER B 242 31.27 -7.78 7.30
C SER B 242 30.80 -8.89 6.37
N HIS B 243 29.72 -9.57 6.75
CA HIS B 243 29.17 -10.63 5.91
C HIS B 243 28.67 -10.07 4.59
N LEU B 244 28.00 -8.92 4.62
CA LEU B 244 27.54 -8.32 3.38
C LEU B 244 28.69 -8.03 2.44
N ASN B 245 29.83 -7.59 2.96
CA ASN B 245 30.95 -7.30 2.06
C ASN B 245 31.51 -8.60 1.48
N LYS B 246 31.66 -9.63 2.30
CA LYS B 246 32.02 -10.95 1.79
C LYS B 246 31.04 -11.41 0.70
N TYR B 247 29.73 -11.27 0.95
CA TYR B 247 28.73 -11.63 -0.05
C TYR B 247 28.99 -10.90 -1.37
N PHE B 248 29.18 -9.58 -1.31
CA PHE B 248 29.32 -8.85 -2.57
C PHE B 248 30.67 -9.09 -3.19
N LEU B 249 31.64 -9.56 -2.41
CA LEU B 249 32.87 -10.07 -3.03
C LEU B 249 32.61 -11.35 -3.82
N LEU B 250 31.88 -12.31 -3.26
CA LEU B 250 31.60 -13.55 -4.01
C LEU B 250 30.52 -13.36 -5.06
N ASN B 251 29.52 -12.54 -4.81
CA ASN B 251 28.45 -12.24 -5.77
C ASN B 251 28.44 -10.76 -6.09
N LYS B 252 29.06 -10.37 -7.21
CA LYS B 252 29.26 -8.95 -7.49
C LYS B 252 27.93 -8.25 -7.72
N PRO B 253 27.73 -7.07 -7.16
CA PRO B 253 26.50 -6.31 -7.44
C PRO B 253 26.48 -5.81 -8.87
N THR B 254 25.28 -5.75 -9.45
CA THR B 254 25.12 -5.27 -10.80
C THR B 254 25.03 -3.75 -10.87
N LYS B 255 24.93 -3.10 -9.72
CA LYS B 255 24.87 -1.64 -9.65
C LYS B 255 25.42 -1.21 -8.30
N ILE B 256 26.21 -0.14 -8.32
CA ILE B 256 26.77 0.45 -7.12
C ILE B 256 26.35 1.92 -7.09
N LEU B 257 25.99 2.39 -5.91
CA LEU B 257 25.64 3.80 -5.71
C LEU B 257 26.84 4.55 -5.13
N SER B 258 27.10 5.73 -5.64
CA SER B 258 28.15 6.54 -5.07
C SER B 258 27.82 6.99 -3.64
N PRO B 259 28.81 7.52 -2.92
CA PRO B 259 28.56 8.10 -1.59
C PRO B 259 27.58 9.25 -1.58
N GLU B 260 27.29 9.88 -2.71
CA GLU B 260 26.19 10.84 -2.76
C GLU B 260 24.86 10.26 -2.28
N TYR B 261 24.68 8.94 -2.40
CA TYR B 261 23.44 8.30 -2.00
C TYR B 261 23.44 7.90 -0.53
N CYS B 262 24.56 8.02 0.17
CA CYS B 262 24.59 7.73 1.59
C CYS B 262 25.77 8.44 2.22
N TRP B 263 25.65 9.76 2.36
CA TRP B 263 26.77 10.63 2.70
C TRP B 263 26.82 10.92 4.20
N ASP B 264 28.04 10.97 4.74
CA ASP B 264 28.26 11.35 6.13
C ASP B 264 28.85 12.77 6.14
N TYR B 265 28.01 13.74 6.47
CA TYR B 265 28.42 15.12 6.51
C TYR B 265 29.52 15.41 7.52
N HIS B 266 29.74 14.52 8.49
CA HIS B 266 30.91 14.67 9.35
C HIS B 266 32.21 14.65 8.56
N ILE B 267 32.22 14.02 7.39
CA ILE B 267 33.41 14.04 6.54
C ILE B 267 33.65 15.45 5.99
N GLY B 268 32.61 16.24 5.88
CA GLY B 268 32.66 17.47 5.12
C GLY B 268 31.78 17.38 3.90
N LEU B 269 32.11 18.20 2.91
CA LEU B 269 31.41 18.22 1.64
C LEU B 269 32.42 18.51 0.54
N PRO B 270 33.15 17.49 0.10
CA PRO B 270 34.19 17.71 -0.92
C PRO B 270 33.60 17.85 -2.32
N ALA B 271 34.49 18.13 -3.27
CA ALA B 271 34.06 18.44 -4.63
C ALA B 271 33.40 17.24 -5.30
N ASP B 272 33.79 16.01 -4.93
CA ASP B 272 33.22 14.77 -5.46
C ASP B 272 31.74 14.64 -5.18
N ILE B 273 31.23 15.30 -4.16
CA ILE B 273 29.88 15.09 -3.65
C ILE B 273 29.04 16.25 -4.17
N LYS B 274 28.38 16.03 -5.31
CA LYS B 274 27.76 17.14 -6.02
C LYS B 274 26.34 17.42 -5.55
N LEU B 275 25.58 16.37 -5.20
CA LEU B 275 24.20 16.53 -4.76
C LEU B 275 23.87 15.36 -3.85
N VAL B 276 23.70 15.62 -2.56
CA VAL B 276 23.45 14.53 -1.62
C VAL B 276 21.99 14.08 -1.72
N LYS B 277 21.80 12.76 -1.91
CA LYS B 277 20.46 12.19 -1.91
C LYS B 277 20.02 11.68 -0.54
N MET B 278 20.97 11.22 0.26
CA MET B 278 20.64 10.67 1.58
C MET B 278 21.86 10.86 2.46
N SER B 279 21.63 11.15 3.74
CA SER B 279 22.74 11.33 4.66
C SER B 279 22.52 10.57 5.97
N TRP B 280 23.64 10.29 6.64
CA TRP B 280 23.62 9.73 7.98
C TRP B 280 23.00 10.70 8.97
N GLN B 281 22.28 10.17 9.94
CA GLN B 281 21.59 10.97 10.94
C GLN B 281 22.49 11.24 12.13
C2 BGC C . -36.42 -0.40 9.32
C3 BGC C . -35.11 -0.18 8.56
C4 BGC C . -34.03 0.09 9.58
C5 BGC C . -33.90 -1.07 10.55
C6 BGC C . -32.85 -0.84 11.61
C1 BGC C . -36.27 -1.52 10.35
O1 BGC C . -37.45 -1.62 11.06
O2 BGC C . -37.48 -0.73 8.41
O3 BGC C . -35.20 0.89 7.63
O4 BGC C . -32.77 0.39 8.96
O5 BGC C . -35.17 -1.24 11.23
O6 BGC C . -33.18 -1.40 12.86
C1 GAL C . -32.49 1.76 8.73
C2 GAL C . -30.98 1.96 8.79
C3 GAL C . -30.56 3.34 8.32
C4 GAL C . -31.23 3.69 6.99
C5 GAL C . -32.74 3.49 7.10
C6 GAL C . -33.50 3.75 5.83
O2 GAL C . -30.54 1.72 10.12
O3 GAL C . -29.15 3.40 8.16
O4 GAL C . -30.65 2.89 5.94
O5 GAL C . -33.02 2.12 7.47
O6 GAL C . -34.86 3.36 6.00
#